data_7N0R
#
_entry.id   7N0R
#
_cell.length_a   46.668
_cell.length_b   77.120
_cell.length_c   71.932
_cell.angle_alpha   90.000
_cell.angle_beta   95.140
_cell.angle_gamma   90.000
#
_symmetry.space_group_name_H-M   'P 1 21 1'
#
loop_
_entity.id
_entity.type
_entity.pdbx_description
1 polymer Nucleoprotein
2 polymer 'Single-domain antibody C2'
3 non-polymer 'SULFATE ION'
4 water water
#
loop_
_entity_poly.entity_id
_entity_poly.type
_entity_poly.pdbx_seq_one_letter_code
_entity_poly.pdbx_strand_id
1 'polypeptide(L)'
;SNATASWFTALTQHGKEDLKFPRGQGVPINTNSSPDDQIGYYRRATRRIRGGDGKMKDLSPRWYFYYLGTGPEAGLPYGA
NKDGIIWVATEGALNTPKDHIGTRNPANNAAIVLQLPQGTTLPKGFYAE
;
A,B
2 'polypeptide(L)'
;MAEVQLQASGGGLVRPGGSLRLSCAASGFTFSSYAMMWVRQAPGKGLEWVSAINGGGGSTSYADSVKGRFTISRDNAKNT
LYLQMNSLKPEDTAVYYCAKYQAAVHQEKEDYWGQGTQVTVSSAAALEHHHHHH
;
C,D
#
loop_
_chem_comp.id
_chem_comp.type
_chem_comp.name
_chem_comp.formula
SO4 non-polymer 'SULFATE ION' 'O4 S -2'
#
# COMPACT_ATOMS: atom_id res chain seq x y z
N ALA A 3 -4.60 12.76 -2.53
CA ALA A 3 -4.75 12.06 -3.80
C ALA A 3 -3.59 12.36 -4.76
N THR A 4 -2.44 12.73 -4.21
CA THR A 4 -1.20 12.81 -4.98
C THR A 4 -0.13 11.94 -4.32
N ALA A 5 0.71 11.34 -5.15
CA ALA A 5 1.72 10.41 -4.65
C ALA A 5 2.84 10.27 -5.68
N SER A 6 3.98 9.77 -5.22
CA SER A 6 5.06 9.39 -6.12
C SER A 6 4.61 8.27 -7.04
N TRP A 7 5.08 8.29 -8.28
CA TRP A 7 4.85 7.17 -9.18
C TRP A 7 5.49 5.88 -8.70
N PHE A 8 6.51 5.95 -7.85
CA PHE A 8 7.35 4.82 -7.51
C PHE A 8 7.29 4.50 -6.03
N THR A 9 7.64 3.25 -5.70
CA THR A 9 7.83 2.90 -4.30
C THR A 9 9.03 3.65 -3.72
N ALA A 10 9.15 3.63 -2.41
CA ALA A 10 10.17 4.40 -1.70
C ALA A 10 11.44 3.58 -1.47
N LEU A 11 12.53 4.30 -1.23
CA LEU A 11 13.77 3.70 -0.75
C LEU A 11 13.84 3.92 0.76
N THR A 12 13.86 2.83 1.52
CA THR A 12 13.94 2.93 2.97
C THR A 12 15.38 3.12 3.44
N GLN A 13 15.58 4.09 4.33
CA GLN A 13 16.87 4.35 4.93
C GLN A 13 17.01 3.49 6.18
N HIS A 14 17.86 2.46 6.10
CA HIS A 14 18.01 1.57 7.24
C HIS A 14 19.17 1.92 8.14
N GLY A 15 20.01 2.87 7.75
CA GLY A 15 21.18 3.22 8.54
C GLY A 15 21.24 4.71 8.82
N LYS A 16 22.39 5.19 9.31
CA LYS A 16 22.47 6.60 9.66
C LYS A 16 22.70 7.49 8.45
N GLU A 17 23.15 6.92 7.33
CA GLU A 17 23.49 7.70 6.16
C GLU A 17 22.21 8.13 5.44
N ASP A 18 22.14 9.43 5.12
CA ASP A 18 21.03 9.92 4.33
C ASP A 18 21.17 9.48 2.88
N LEU A 19 20.06 9.55 2.15
CA LEU A 19 20.12 9.26 0.73
C LEU A 19 20.90 10.33 -0.03
N LYS A 20 21.73 9.90 -0.97
CA LYS A 20 22.40 10.78 -1.93
C LYS A 20 22.86 9.89 -3.06
N PHE A 21 23.14 10.51 -4.21
CA PHE A 21 23.69 9.78 -5.35
C PHE A 21 24.81 10.55 -6.00
N PRO A 22 25.80 9.86 -6.55
CA PRO A 22 26.77 10.54 -7.41
C PRO A 22 26.07 11.25 -8.56
N ARG A 23 26.70 12.33 -9.02
CA ARG A 23 26.13 13.12 -10.11
C ARG A 23 25.90 12.23 -11.32
N GLY A 24 24.69 12.28 -11.86
CA GLY A 24 24.30 11.45 -12.99
C GLY A 24 23.50 10.22 -12.64
N GLN A 25 23.45 9.85 -11.36
CA GLN A 25 22.75 8.66 -10.93
C GLN A 25 21.53 8.98 -10.09
N GLY A 26 20.67 7.97 -9.95
CA GLY A 26 19.58 8.04 -8.99
C GLY A 26 18.19 8.22 -9.56
N VAL A 27 18.04 8.52 -10.84
CA VAL A 27 16.69 8.70 -11.40
C VAL A 27 16.07 7.33 -11.64
N PRO A 28 14.87 7.06 -11.12
CA PRO A 28 14.25 5.75 -11.37
C PRO A 28 14.01 5.52 -12.85
N ILE A 29 13.99 4.24 -13.23
CA ILE A 29 13.69 3.87 -14.61
C ILE A 29 12.21 4.09 -14.89
N ASN A 30 11.91 4.70 -16.02
CA ASN A 30 10.54 4.92 -16.47
C ASN A 30 10.61 4.94 -17.99
N THR A 31 10.23 3.83 -18.63
CA THR A 31 10.31 3.76 -20.08
C THR A 31 9.22 4.57 -20.77
N ASN A 32 8.24 5.07 -20.02
CA ASN A 32 7.28 6.03 -20.56
C ASN A 32 7.75 7.47 -20.36
N SER A 33 8.98 7.77 -20.76
CA SER A 33 9.52 9.10 -20.56
C SER A 33 10.74 9.22 -21.47
N SER A 34 11.18 10.47 -21.68
CA SER A 34 12.26 10.80 -22.59
C SER A 34 13.52 11.16 -21.84
N PRO A 35 14.67 11.20 -22.51
CA PRO A 35 15.89 11.68 -21.85
C PRO A 35 15.75 13.05 -21.19
N ASP A 36 14.98 13.94 -21.79
CA ASP A 36 14.82 15.27 -21.22
C ASP A 36 14.10 15.22 -19.87
N ASP A 37 13.33 14.17 -19.61
CA ASP A 37 12.51 14.06 -18.40
C ASP A 37 13.28 13.56 -17.19
N GLN A 38 14.55 13.18 -17.31
CA GLN A 38 15.21 12.36 -16.28
C GLN A 38 15.84 13.22 -15.20
N ILE A 39 14.99 13.83 -14.36
CA ILE A 39 15.45 14.83 -13.40
C ILE A 39 14.37 14.98 -12.32
N GLY A 40 14.81 15.07 -11.07
CA GLY A 40 13.87 15.31 -9.99
C GLY A 40 14.56 15.25 -8.66
N TYR A 41 13.76 14.98 -7.64
CA TYR A 41 14.25 14.96 -6.27
C TYR A 41 13.66 13.77 -5.53
N TYR A 42 14.37 13.36 -4.49
CA TYR A 42 13.79 12.50 -3.48
C TYR A 42 13.47 13.33 -2.25
N ARG A 43 12.32 13.04 -1.65
CA ARG A 43 11.87 13.70 -0.43
C ARG A 43 11.69 12.69 0.68
N ARG A 44 12.34 12.97 1.81
CA ARG A 44 12.28 12.10 2.97
C ARG A 44 10.95 12.26 3.68
N ALA A 45 10.35 11.14 4.07
CA ALA A 45 9.19 11.11 4.96
C ALA A 45 9.48 10.15 6.11
N THR A 46 9.20 10.58 7.34
CA THR A 46 9.45 9.76 8.52
C THR A 46 8.15 9.58 9.29
N ARG A 47 7.69 8.34 9.41
CA ARG A 47 6.51 8.04 10.19
C ARG A 47 6.85 8.01 11.66
N ARG A 48 5.87 8.36 12.49
CA ARG A 48 5.98 8.22 13.93
C ARG A 48 4.84 7.33 14.40
N ILE A 49 5.16 6.33 15.22
CA ILE A 49 4.13 5.47 15.81
C ILE A 49 4.51 5.13 17.24
N ARG A 50 3.54 4.62 17.98
CA ARG A 50 3.78 4.21 19.35
C ARG A 50 4.43 2.84 19.37
N GLY A 51 5.54 2.73 20.09
CA GLY A 51 6.16 1.45 20.29
C GLY A 51 5.43 0.55 21.29
N GLY A 52 5.92 -0.68 21.38
CA GLY A 52 5.35 -1.62 22.34
C GLY A 52 5.41 -1.09 23.75
N ASP A 53 6.51 -0.42 24.10
CA ASP A 53 6.67 0.18 25.43
C ASP A 53 5.82 1.43 25.62
N GLY A 54 5.04 1.86 24.62
CA GLY A 54 4.17 3.01 24.76
C GLY A 54 4.72 4.34 24.27
N LYS A 55 6.01 4.47 24.05
CA LYS A 55 6.58 5.76 23.69
C LYS A 55 6.55 5.94 22.17
N MET A 56 6.15 7.15 21.73
CA MET A 56 6.21 7.48 20.31
C MET A 56 7.65 7.40 19.83
N LYS A 57 7.83 6.89 18.63
CA LYS A 57 9.16 6.79 18.06
C LYS A 57 9.12 6.97 16.54
N ASP A 58 10.25 7.41 16.00
CA ASP A 58 10.41 7.51 14.57
C ASP A 58 10.69 6.13 13.96
N LEU A 59 10.01 5.83 12.85
CA LEU A 59 10.33 4.64 12.08
C LEU A 59 11.48 4.96 11.11
N SER A 60 11.96 3.95 10.40
CA SER A 60 12.99 4.19 9.40
C SER A 60 12.49 5.17 8.35
N PRO A 61 13.26 6.21 7.99
CA PRO A 61 12.78 7.14 6.97
C PRO A 61 12.61 6.44 5.64
N ARG A 62 11.68 6.94 4.84
CA ARG A 62 11.48 6.49 3.47
C ARG A 62 11.62 7.68 2.52
N TRP A 63 12.33 7.48 1.42
CA TRP A 63 12.62 8.53 0.46
C TRP A 63 11.88 8.25 -0.83
N TYR A 64 11.11 9.24 -1.29
CA TYR A 64 10.22 9.11 -2.44
C TYR A 64 10.64 10.05 -3.55
N PHE A 65 10.69 9.52 -4.77
CA PHE A 65 11.12 10.30 -5.93
C PHE A 65 9.95 11.02 -6.57
N TYR A 66 10.20 12.29 -6.92
CA TYR A 66 9.26 13.10 -7.68
C TYR A 66 10.03 13.79 -8.80
N TYR A 67 9.43 13.81 -9.98
CA TYR A 67 10.03 14.55 -11.09
C TYR A 67 10.09 16.02 -10.77
N LEU A 68 11.08 16.70 -11.35
CA LEU A 68 11.22 18.14 -11.19
C LEU A 68 9.91 18.84 -11.53
N GLY A 69 9.51 19.80 -10.70
CA GLY A 69 8.29 20.53 -10.97
C GLY A 69 7.01 19.80 -10.63
N THR A 70 7.10 18.69 -9.90
CA THR A 70 5.95 17.94 -9.44
C THR A 70 6.11 17.67 -7.96
N GLY A 71 5.00 17.30 -7.33
CA GLY A 71 5.04 16.82 -5.97
C GLY A 71 5.08 17.93 -4.93
N PRO A 72 5.40 17.56 -3.70
CA PRO A 72 5.35 18.54 -2.60
C PRO A 72 6.28 19.70 -2.80
N GLU A 73 7.38 19.52 -3.50
CA GLU A 73 8.34 20.57 -3.79
C GLU A 73 8.35 20.93 -5.27
N ALA A 74 7.17 20.86 -5.88
CA ALA A 74 7.04 21.23 -7.29
C ALA A 74 7.59 22.62 -7.58
N GLY A 75 7.51 23.54 -6.62
CA GLY A 75 7.96 24.90 -6.86
C GLY A 75 9.44 25.13 -6.64
N LEU A 76 10.16 24.12 -6.14
CA LEU A 76 11.57 24.32 -5.84
C LEU A 76 12.40 24.18 -7.10
N PRO A 77 13.29 25.10 -7.39
CA PRO A 77 14.18 24.91 -8.55
C PRO A 77 15.22 23.83 -8.29
N TYR A 78 15.67 23.21 -9.37
CA TYR A 78 16.64 22.14 -9.26
C TYR A 78 17.86 22.63 -8.49
N GLY A 79 18.30 21.81 -7.53
CA GLY A 79 19.48 22.10 -6.75
C GLY A 79 19.26 22.92 -5.51
N ALA A 80 18.05 23.43 -5.28
CA ALA A 80 17.77 24.22 -4.09
C ALA A 80 18.00 23.40 -2.82
N ASN A 81 18.57 24.06 -1.83
N ASN A 81 18.56 24.07 -1.83
CA ASN A 81 18.93 23.39 -0.58
CA ASN A 81 18.92 23.42 -0.57
C ASN A 81 17.74 23.39 0.37
C ASN A 81 17.71 23.39 0.35
N LYS A 82 17.32 22.20 0.77
CA LYS A 82 16.24 22.06 1.74
C LYS A 82 16.42 20.72 2.46
N ASP A 83 16.34 20.74 3.79
CA ASP A 83 16.48 19.51 4.54
C ASP A 83 15.45 18.48 4.08
N GLY A 84 15.92 17.24 3.90
CA GLY A 84 15.06 16.17 3.47
C GLY A 84 14.82 16.09 1.98
N ILE A 85 15.45 16.97 1.18
CA ILE A 85 15.35 16.98 -0.28
C ILE A 85 16.74 16.75 -0.85
N ILE A 86 16.87 15.76 -1.73
CA ILE A 86 18.09 15.58 -2.51
C ILE A 86 17.73 15.52 -3.99
N TRP A 87 18.66 15.97 -4.82
CA TRP A 87 18.42 16.13 -6.25
C TRP A 87 19.19 15.10 -7.06
N VAL A 88 18.56 14.64 -8.14
CA VAL A 88 19.17 13.69 -9.05
C VAL A 88 18.83 14.10 -10.49
N ALA A 89 19.75 13.81 -11.39
CA ALA A 89 19.52 14.08 -12.81
C ALA A 89 20.44 13.20 -13.64
N THR A 90 19.86 12.59 -14.68
CA THR A 90 20.65 11.84 -15.64
C THR A 90 21.24 12.81 -16.66
N GLU A 91 22.41 12.47 -17.18
CA GLU A 91 23.00 13.26 -18.26
C GLU A 91 21.98 13.50 -19.36
N GLY A 92 21.88 14.76 -19.79
CA GLY A 92 20.95 15.11 -20.86
C GLY A 92 19.58 15.59 -20.41
N ALA A 93 19.28 15.56 -19.13
CA ALA A 93 17.97 16.02 -18.71
C ALA A 93 17.83 17.52 -18.90
N LEU A 94 16.58 17.95 -19.10
CA LEU A 94 16.23 19.34 -19.28
C LEU A 94 15.64 19.93 -18.00
N ASN A 95 16.11 21.10 -17.62
CA ASN A 95 15.66 21.79 -16.41
C ASN A 95 14.36 22.54 -16.69
N THR A 96 13.26 21.79 -16.69
CA THR A 96 11.92 22.33 -16.86
C THR A 96 10.95 21.47 -16.05
N PRO A 97 9.80 22.03 -15.66
CA PRO A 97 8.83 21.24 -14.88
C PRO A 97 8.24 20.10 -15.70
N LYS A 98 8.09 18.95 -15.06
CA LYS A 98 7.59 17.77 -15.77
C LYS A 98 6.10 17.55 -15.51
N ASP A 99 5.31 18.58 -15.79
CA ASP A 99 3.87 18.49 -15.55
C ASP A 99 3.20 17.45 -16.45
N HIS A 100 3.82 17.10 -17.57
CA HIS A 100 3.29 16.08 -18.47
C HIS A 100 3.50 14.66 -17.94
N ILE A 101 4.30 14.50 -16.89
CA ILE A 101 4.39 13.26 -16.12
C ILE A 101 3.56 13.36 -14.86
N GLY A 102 3.73 14.46 -14.13
CA GLY A 102 2.99 14.75 -12.94
C GLY A 102 3.17 13.70 -11.86
N THR A 103 2.11 13.52 -11.06
CA THR A 103 2.11 12.59 -9.94
C THR A 103 1.04 11.53 -10.14
N ARG A 104 1.08 10.55 -9.25
CA ARG A 104 0.18 9.41 -9.27
C ARG A 104 -1.01 9.66 -8.35
N ASN A 105 -2.20 9.20 -8.76
CA ASN A 105 -3.36 9.22 -7.89
C ASN A 105 -3.53 7.81 -7.34
N PRO A 106 -3.31 7.58 -6.04
CA PRO A 106 -3.36 6.20 -5.52
C PRO A 106 -4.69 5.50 -5.71
N ALA A 107 -5.79 6.24 -5.88
CA ALA A 107 -7.06 5.58 -6.14
C ALA A 107 -7.07 4.94 -7.53
N ASN A 108 -6.33 5.52 -8.47
CA ASN A 108 -6.34 5.09 -9.86
C ASN A 108 -5.23 4.09 -10.18
N ASN A 109 -4.03 4.26 -9.61
CA ASN A 109 -2.90 3.42 -10.00
C ASN A 109 -2.05 3.09 -8.77
N ALA A 110 -1.56 1.85 -8.72
CA ALA A 110 -0.56 1.47 -7.73
C ALA A 110 0.83 2.02 -8.09
N ALA A 111 1.67 2.19 -7.09
CA ALA A 111 3.06 2.57 -7.33
C ALA A 111 3.75 1.47 -8.13
N ILE A 112 4.65 1.86 -9.02
CA ILE A 112 5.52 0.85 -9.61
C ILE A 112 6.80 0.75 -8.78
N VAL A 113 7.37 -0.45 -8.75
CA VAL A 113 8.58 -0.66 -7.97
C VAL A 113 9.70 0.22 -8.53
N LEU A 114 10.36 0.95 -7.64
CA LEU A 114 11.46 1.82 -8.05
C LEU A 114 12.64 0.96 -8.46
N GLN A 115 13.02 1.04 -9.73
CA GLN A 115 14.17 0.33 -10.23
C GLN A 115 15.25 1.32 -10.65
N LEU A 116 16.49 0.99 -10.36
CA LEU A 116 17.63 1.79 -10.76
C LEU A 116 18.54 0.96 -11.67
N PRO A 117 19.18 1.57 -12.64
CA PRO A 117 20.03 0.80 -13.57
C PRO A 117 21.18 0.15 -12.84
N GLN A 118 21.61 -1.01 -13.37
CA GLN A 118 22.76 -1.71 -12.83
C GLN A 118 23.93 -0.75 -12.75
N GLY A 119 24.69 -0.86 -11.66
CA GLY A 119 25.83 0.01 -11.43
C GLY A 119 25.52 1.30 -10.72
N THR A 120 24.30 1.46 -10.20
CA THR A 120 23.97 2.63 -9.42
C THR A 120 24.52 2.47 -8.01
N THR A 121 25.29 3.44 -7.57
CA THR A 121 25.80 3.45 -6.20
C THR A 121 24.73 3.89 -5.22
N LEU A 122 24.62 3.16 -4.11
CA LEU A 122 23.72 3.47 -3.02
C LEU A 122 24.50 3.64 -1.73
N PRO A 123 24.09 4.56 -0.85
CA PRO A 123 24.75 4.67 0.45
C PRO A 123 24.50 3.41 1.28
N LYS A 124 25.37 3.19 2.27
CA LYS A 124 25.16 2.12 3.24
C LYS A 124 23.77 2.26 3.84
N GLY A 125 23.08 1.12 3.97
CA GLY A 125 21.75 1.10 4.54
C GLY A 125 20.61 1.22 3.56
N PHE A 126 20.90 1.30 2.26
CA PHE A 126 19.88 1.38 1.24
C PHE A 126 19.98 0.19 0.29
N TYR A 127 18.83 -0.19 -0.24
CA TYR A 127 18.70 -1.27 -1.22
C TYR A 127 17.73 -0.78 -2.29
N ALA A 128 17.94 -1.21 -3.53
CA ALA A 128 16.99 -0.88 -4.57
C ALA A 128 16.88 -2.02 -5.56
N GLU A 129 15.70 -2.17 -6.16
CA GLU A 129 15.52 -3.12 -7.25
C GLU A 129 16.02 -2.57 -8.58
N ALA B 3 -9.40 -10.10 -0.78
CA ALA B 3 -9.99 -9.34 0.31
C ALA B 3 -9.47 -9.82 1.66
N THR B 4 -8.34 -10.52 1.66
CA THR B 4 -7.71 -11.03 2.87
C THR B 4 -6.22 -10.72 2.83
N ALA B 5 -5.66 -10.40 3.99
CA ALA B 5 -4.30 -9.93 4.10
C ALA B 5 -3.79 -10.11 5.52
N SER B 6 -2.47 -10.06 5.67
CA SER B 6 -1.86 -10.05 6.99
C SER B 6 -2.25 -8.77 7.71
N TRP B 7 -2.39 -8.88 9.03
CA TRP B 7 -2.59 -7.67 9.84
C TRP B 7 -1.41 -6.74 9.81
N PHE B 8 -0.22 -7.23 9.48
CA PHE B 8 1.04 -6.51 9.65
C PHE B 8 1.74 -6.29 8.32
N THR B 9 2.60 -5.28 8.30
CA THR B 9 3.49 -5.10 7.17
C THR B 9 4.48 -6.26 7.09
N ALA B 10 5.18 -6.37 5.98
CA ALA B 10 6.07 -7.49 5.74
C ALA B 10 7.51 -7.21 6.18
N LEU B 11 8.25 -8.29 6.39
CA LEU B 11 9.70 -8.22 6.55
C LEU B 11 10.36 -8.56 5.22
N THR B 12 11.08 -7.60 4.65
CA THR B 12 11.75 -7.82 3.38
C THR B 12 13.11 -8.52 3.55
N GLN B 13 13.32 -9.57 2.76
CA GLN B 13 14.56 -10.34 2.77
C GLN B 13 15.53 -9.69 1.78
N HIS B 14 16.54 -9.00 2.30
CA HIS B 14 17.48 -8.30 1.44
C HIS B 14 18.71 -9.13 1.08
N GLY B 15 18.89 -10.29 1.69
CA GLY B 15 20.05 -11.11 1.38
C GLY B 15 19.68 -12.54 1.06
N LYS B 16 20.67 -13.44 1.06
CA LYS B 16 20.40 -14.82 0.69
C LYS B 16 19.79 -15.64 1.82
N GLU B 17 19.83 -15.14 3.05
CA GLU B 17 19.33 -15.90 4.18
C GLU B 17 17.81 -15.79 4.25
N ASP B 18 17.15 -16.94 4.37
CA ASP B 18 15.72 -16.98 4.57
C ASP B 18 15.36 -16.47 5.97
N LEU B 19 14.12 -16.08 6.14
CA LEU B 19 13.64 -15.74 7.47
C LEU B 19 13.62 -16.97 8.38
N LYS B 20 14.01 -16.77 9.63
CA LYS B 20 13.97 -17.80 10.67
C LYS B 20 14.10 -17.05 11.98
N PHE B 21 13.60 -17.67 13.05
CA PHE B 21 13.74 -17.09 14.37
C PHE B 21 14.12 -18.17 15.38
N PRO B 22 14.93 -17.82 16.38
CA PRO B 22 15.11 -18.72 17.54
C PRO B 22 13.77 -19.06 18.16
N ARG B 23 13.71 -20.25 18.77
CA ARG B 23 12.47 -20.67 19.41
C ARG B 23 12.05 -19.66 20.46
N GLY B 24 10.78 -19.32 20.47
CA GLY B 24 10.25 -18.35 21.38
C GLY B 24 10.18 -16.95 20.83
N GLN B 25 10.85 -16.67 19.71
CA GLN B 25 10.90 -15.33 19.13
C GLN B 25 10.14 -15.26 17.82
N GLY B 26 9.85 -14.02 17.42
CA GLY B 26 9.35 -13.74 16.08
C GLY B 26 7.88 -13.40 15.95
N VAL B 27 7.08 -13.53 17.00
CA VAL B 27 5.66 -13.17 16.87
C VAL B 27 5.52 -11.65 16.95
N PRO B 28 4.82 -11.00 16.00
CA PRO B 28 4.67 -9.55 16.08
C PRO B 28 3.91 -9.11 17.33
N ILE B 29 4.22 -7.90 17.78
CA ILE B 29 3.47 -7.30 18.88
C ILE B 29 2.05 -6.97 18.44
N ASN B 30 1.07 -7.38 19.23
CA ASN B 30 -0.34 -7.07 19.00
C ASN B 30 -0.97 -6.99 20.39
N THR B 31 -1.23 -5.78 20.86
CA THR B 31 -1.80 -5.61 22.20
C THR B 31 -3.28 -5.99 22.28
N ASN B 32 -3.94 -6.22 21.15
CA ASN B 32 -5.30 -6.77 21.17
C ASN B 32 -5.26 -8.30 21.06
N SER B 33 -4.51 -8.93 21.96
CA SER B 33 -4.39 -10.38 21.95
C SER B 33 -3.85 -10.82 23.30
N SER B 34 -3.96 -12.12 23.55
CA SER B 34 -3.58 -12.72 24.82
C SER B 34 -2.36 -13.62 24.64
N PRO B 35 -1.74 -14.05 25.74
CA PRO B 35 -0.60 -14.99 25.59
C PRO B 35 -0.94 -16.24 24.79
N ASP B 36 -2.17 -16.74 24.92
CA ASP B 36 -2.57 -17.93 24.19
C ASP B 36 -2.52 -17.71 22.69
N ASP B 37 -2.65 -16.47 22.23
CA ASP B 37 -2.77 -16.17 20.81
C ASP B 37 -1.44 -16.10 20.06
N GLN B 38 -0.31 -16.21 20.75
CA GLN B 38 0.97 -15.77 20.20
C GLN B 38 1.66 -16.90 19.44
N ILE B 39 1.10 -17.23 18.27
CA ILE B 39 1.57 -18.38 17.49
C ILE B 39 1.09 -18.23 16.05
N GLY B 40 1.98 -18.54 15.11
CA GLY B 40 1.58 -18.50 13.72
C GLY B 40 2.76 -18.77 12.81
N TYR B 41 2.65 -18.29 11.58
CA TYR B 41 3.67 -18.55 10.56
C TYR B 41 3.95 -17.26 9.80
N TYR B 42 5.16 -17.21 9.24
CA TYR B 42 5.44 -16.26 8.18
C TYR B 42 5.41 -16.99 6.85
N ARG B 43 4.82 -16.34 5.84
CA ARG B 43 4.74 -16.86 4.49
C ARG B 43 5.51 -15.93 3.55
N ARG B 44 6.42 -16.51 2.79
CA ARG B 44 7.21 -15.77 1.82
C ARG B 44 6.39 -15.51 0.57
N ALA B 45 6.42 -14.28 0.10
CA ALA B 45 5.85 -13.89 -1.18
C ALA B 45 6.94 -13.21 -2.02
N THR B 46 7.11 -13.67 -3.25
CA THR B 46 8.14 -13.10 -4.12
C THR B 46 7.50 -12.57 -5.40
N ARG B 47 7.59 -11.25 -5.61
CA ARG B 47 7.08 -10.66 -6.83
C ARG B 47 8.06 -10.88 -7.99
N ARG B 48 7.50 -10.96 -9.21
CA ARG B 48 8.28 -11.05 -10.43
C ARG B 48 7.82 -9.94 -11.36
N ILE B 49 8.75 -9.10 -11.82
CA ILE B 49 8.41 -8.02 -12.73
C ILE B 49 9.51 -7.91 -13.77
N ARG B 50 9.21 -7.18 -14.84
CA ARG B 50 10.21 -6.96 -15.88
C ARG B 50 11.21 -5.91 -15.40
N GLY B 51 12.48 -6.20 -15.56
CA GLY B 51 13.51 -5.23 -15.26
C GLY B 51 13.69 -4.19 -16.36
N GLY B 52 14.63 -3.29 -16.11
CA GLY B 52 14.95 -2.27 -17.10
C GLY B 52 15.29 -2.82 -18.47
N ASP B 53 16.00 -3.96 -18.53
CA ASP B 53 16.36 -4.58 -19.80
C ASP B 53 15.25 -5.46 -20.37
N GLY B 54 14.09 -5.50 -19.71
CA GLY B 54 12.97 -6.28 -20.19
C GLY B 54 12.88 -7.70 -19.68
N LYS B 55 13.94 -8.20 -19.04
CA LYS B 55 13.96 -9.57 -18.54
C LYS B 55 13.18 -9.68 -17.23
N MET B 56 12.36 -10.72 -17.12
N MET B 56 12.36 -10.73 -17.11
CA MET B 56 11.62 -10.95 -15.90
CA MET B 56 11.60 -10.94 -15.89
C MET B 56 12.60 -11.30 -14.78
C MET B 56 12.56 -11.34 -14.78
N LYS B 57 12.33 -10.80 -13.59
CA LYS B 57 13.22 -11.07 -12.47
C LYS B 57 12.42 -11.12 -11.18
N ASP B 58 12.95 -11.88 -10.23
CA ASP B 58 12.38 -11.91 -8.89
C ASP B 58 12.82 -10.68 -8.11
N LEU B 59 11.88 -10.06 -7.41
CA LEU B 59 12.24 -8.97 -6.49
C LEU B 59 12.64 -9.58 -5.14
N SER B 60 13.06 -8.73 -4.21
CA SER B 60 13.40 -9.25 -2.89
C SER B 60 12.17 -9.87 -2.25
N PRO B 61 12.29 -11.06 -1.66
CA PRO B 61 11.11 -11.68 -1.05
C PRO B 61 10.62 -10.86 0.13
N ARG B 62 9.31 -10.92 0.37
CA ARG B 62 8.68 -10.32 1.53
C ARG B 62 7.96 -11.39 2.34
N TRP B 63 8.19 -11.39 3.63
CA TRP B 63 7.63 -12.39 4.53
C TRP B 63 6.54 -11.76 5.37
N TYR B 64 5.35 -12.37 5.34
CA TYR B 64 4.17 -11.85 6.02
C TYR B 64 3.71 -12.81 7.12
N PHE B 65 3.37 -12.25 8.28
CA PHE B 65 2.91 -13.04 9.42
C PHE B 65 1.40 -13.25 9.42
N TYR B 66 1.01 -14.50 9.69
CA TYR B 66 -0.39 -14.88 9.87
C TYR B 66 -0.50 -15.71 11.14
N TYR B 67 -1.54 -15.45 11.94
CA TYR B 67 -1.79 -16.28 13.09
C TYR B 67 -2.13 -17.69 12.66
N LEU B 68 -1.80 -18.64 13.54
CA LEU B 68 -2.11 -20.04 13.31
C LEU B 68 -3.57 -20.22 12.94
N GLY B 69 -3.82 -21.03 11.92
CA GLY B 69 -5.17 -21.31 11.51
C GLY B 69 -5.85 -20.20 10.75
N THR B 70 -5.09 -19.21 10.27
CA THR B 70 -5.61 -18.12 9.46
C THR B 70 -4.75 -17.99 8.22
N GLY B 71 -5.29 -17.29 7.22
CA GLY B 71 -4.49 -16.89 6.07
C GLY B 71 -4.37 -17.97 5.02
N PRO B 72 -3.42 -17.80 4.09
CA PRO B 72 -3.31 -18.75 2.99
C PRO B 72 -2.96 -20.15 3.40
N GLU B 73 -2.33 -20.32 4.56
CA GLU B 73 -2.01 -21.64 5.09
C GLU B 73 -2.86 -21.96 6.32
N ALA B 74 -4.10 -21.47 6.34
CA ALA B 74 -4.99 -21.68 7.47
C ALA B 74 -5.18 -23.15 7.80
N GLY B 75 -5.15 -24.02 6.79
CA GLY B 75 -5.38 -25.43 6.99
C GLY B 75 -4.18 -26.19 7.54
N LEU B 76 -3.02 -25.56 7.62
CA LEU B 76 -1.85 -26.30 8.06
C LEU B 76 -1.78 -26.32 9.58
N PRO B 77 -1.48 -27.47 10.18
CA PRO B 77 -1.20 -27.51 11.62
C PRO B 77 0.18 -26.95 11.90
N TYR B 78 0.35 -26.41 13.12
CA TYR B 78 1.64 -25.89 13.52
C TYR B 78 2.72 -26.93 13.26
N GLY B 79 3.80 -26.49 12.64
CA GLY B 79 4.93 -27.36 12.35
C GLY B 79 4.91 -28.01 10.99
N ALA B 80 3.81 -27.89 10.24
CA ALA B 80 3.75 -28.53 8.93
C ALA B 80 4.86 -28.00 8.03
N ASN B 81 5.38 -28.88 7.16
CA ASN B 81 6.46 -28.54 6.24
C ASN B 81 5.90 -28.01 4.93
N LYS B 82 6.30 -26.80 4.57
CA LYS B 82 5.94 -26.20 3.29
C LYS B 82 7.00 -25.17 2.93
N ASP B 83 7.52 -25.29 1.70
CA ASP B 83 8.47 -24.31 1.22
C ASP B 83 7.91 -22.91 1.38
N GLY B 84 8.72 -22.02 1.95
CA GLY B 84 8.31 -20.64 2.14
C GLY B 84 7.46 -20.36 3.36
N ILE B 85 7.28 -21.34 4.24
CA ILE B 85 6.53 -21.20 5.48
C ILE B 85 7.48 -21.49 6.63
N ILE B 86 7.55 -20.56 7.59
CA ILE B 86 8.24 -20.79 8.85
C ILE B 86 7.30 -20.53 10.02
N TRP B 87 7.51 -21.27 11.11
CA TRP B 87 6.64 -21.24 12.28
C TRP B 87 7.29 -20.49 13.43
N VAL B 88 6.48 -19.71 14.16
CA VAL B 88 6.91 -18.97 15.34
C VAL B 88 5.87 -19.15 16.44
N ALA B 89 6.34 -19.15 17.68
CA ALA B 89 5.43 -19.20 18.82
C ALA B 89 6.12 -18.67 20.07
N THR B 90 5.44 -17.78 20.79
CA THR B 90 5.92 -17.30 22.08
C THR B 90 5.61 -18.35 23.15
N GLU B 91 6.48 -18.42 24.16
CA GLU B 91 6.20 -19.31 25.29
C GLU B 91 4.80 -19.03 25.83
N GLY B 92 4.06 -20.11 26.08
CA GLY B 92 2.71 -19.99 26.58
C GLY B 92 1.61 -20.01 25.55
N ALA B 93 1.93 -19.97 24.26
CA ALA B 93 0.87 -19.96 23.26
C ALA B 93 0.10 -21.27 23.22
N LEU B 94 -1.16 -21.18 22.81
CA LEU B 94 -2.05 -22.32 22.67
C LEU B 94 -2.13 -22.76 21.22
N ASN B 95 -2.01 -24.06 20.98
CA ASN B 95 -2.05 -24.62 19.62
C ASN B 95 -3.49 -24.84 19.18
N THR B 96 -4.15 -23.76 18.76
CA THR B 96 -5.51 -23.80 18.23
C THR B 96 -5.61 -22.71 17.15
N PRO B 97 -6.58 -22.84 16.23
CA PRO B 97 -6.74 -21.78 15.22
C PRO B 97 -7.19 -20.48 15.84
N LYS B 98 -6.67 -19.38 15.33
CA LYS B 98 -6.97 -18.07 15.90
C LYS B 98 -8.02 -17.34 15.06
N ASP B 99 -9.19 -17.98 14.93
CA ASP B 99 -10.27 -17.39 14.13
C ASP B 99 -10.83 -16.11 14.74
N HIS B 100 -10.68 -15.92 16.04
CA HIS B 100 -11.12 -14.70 16.70
C HIS B 100 -10.19 -13.51 16.42
N ILE B 101 -9.04 -13.74 15.78
CA ILE B 101 -8.17 -12.69 15.24
C ILE B 101 -8.33 -12.59 13.73
N GLY B 102 -8.25 -13.71 13.04
CA GLY B 102 -8.48 -13.79 11.63
C GLY B 102 -7.45 -12.99 10.85
N THR B 103 -7.89 -12.48 9.71
CA THR B 103 -7.07 -11.72 8.78
C THR B 103 -7.68 -10.34 8.60
N ARG B 104 -6.92 -9.49 7.89
CA ARG B 104 -7.29 -8.10 7.66
C ARG B 104 -7.98 -7.97 6.31
N ASN B 105 -9.01 -7.13 6.26
CA ASN B 105 -9.59 -6.74 4.99
C ASN B 105 -9.05 -5.38 4.61
N PRO B 106 -8.24 -5.26 3.55
CA PRO B 106 -7.63 -3.95 3.25
C PRO B 106 -8.64 -2.85 2.97
N ALA B 107 -9.85 -3.20 2.54
CA ALA B 107 -10.86 -2.18 2.34
C ALA B 107 -11.26 -1.52 3.65
N ASN B 108 -11.02 -2.18 4.78
CA ASN B 108 -11.48 -1.71 6.07
C ASN B 108 -10.36 -1.29 7.00
N ASN B 109 -9.15 -1.83 6.86
CA ASN B 109 -8.05 -1.46 7.74
C ASN B 109 -6.74 -1.50 6.98
N ALA B 110 -5.87 -0.53 7.26
CA ALA B 110 -4.51 -0.59 6.77
C ALA B 110 -3.67 -1.55 7.62
N ALA B 111 -2.61 -2.09 7.03
CA ALA B 111 -1.68 -2.88 7.81
C ALA B 111 -1.06 -2.03 8.91
N ILE B 112 -0.82 -2.65 10.06
CA ILE B 112 -0.01 -1.98 11.07
C ILE B 112 1.44 -2.39 10.90
N VAL B 113 2.35 -1.48 11.22
CA VAL B 113 3.77 -1.76 11.08
C VAL B 113 4.13 -2.92 12.00
N LEU B 114 4.79 -3.93 11.45
CA LEU B 114 5.21 -5.10 12.21
C LEU B 114 6.31 -4.69 13.19
N GLN B 115 6.02 -4.80 14.48
CA GLN B 115 6.98 -4.50 15.52
C GLN B 115 7.34 -5.77 16.27
N LEU B 116 8.62 -5.93 16.58
CA LEU B 116 9.07 -7.07 17.35
C LEU B 116 9.70 -6.57 18.64
N PRO B 117 9.60 -7.34 19.72
CA PRO B 117 10.16 -6.88 21.01
C PRO B 117 11.65 -6.60 20.88
N GLN B 118 12.10 -5.54 21.56
CA GLN B 118 13.53 -5.26 21.62
C GLN B 118 14.27 -6.53 22.02
N GLY B 119 15.32 -6.84 21.29
CA GLY B 119 16.12 -8.02 21.57
C GLY B 119 15.91 -9.14 20.58
N THR B 120 14.87 -9.09 19.77
CA THR B 120 14.59 -10.16 18.82
C THR B 120 15.72 -10.28 17.80
N THR B 121 16.22 -11.49 17.63
CA THR B 121 17.25 -11.77 16.62
C THR B 121 16.64 -11.80 15.23
N LEU B 122 17.32 -11.17 14.27
CA LEU B 122 16.94 -11.23 12.87
C LEU B 122 18.10 -11.81 12.08
N PRO B 123 17.83 -12.59 11.03
CA PRO B 123 18.93 -13.02 10.15
C PRO B 123 19.52 -11.85 9.39
N LYS B 124 20.73 -12.06 8.90
CA LYS B 124 21.36 -11.04 8.06
C LYS B 124 20.45 -10.71 6.89
N GLY B 125 20.33 -9.41 6.60
CA GLY B 125 19.49 -8.98 5.51
C GLY B 125 18.09 -8.59 5.90
N PHE B 126 17.72 -8.71 7.17
CA PHE B 126 16.40 -8.32 7.61
C PHE B 126 16.49 -7.17 8.60
N TYR B 127 15.45 -6.35 8.59
CA TYR B 127 15.29 -5.23 9.49
C TYR B 127 13.86 -5.25 10.00
N ALA B 128 13.67 -4.83 11.25
CA ALA B 128 12.32 -4.79 11.79
C ALA B 128 12.20 -3.60 12.73
N GLU B 129 11.01 -3.03 12.78
CA GLU B 129 10.68 -1.99 13.76
C GLU B 129 10.30 -2.60 15.12
N GLU C 3 -17.62 4.57 -17.32
CA GLU C 3 -16.19 4.13 -17.26
C GLU C 3 -15.30 5.06 -18.11
N VAL C 4 -13.98 4.97 -17.89
CA VAL C 4 -13.02 5.82 -18.59
C VAL C 4 -12.75 5.23 -19.96
N GLN C 5 -12.90 6.04 -21.00
CA GLN C 5 -12.74 5.56 -22.36
C GLN C 5 -11.99 6.58 -23.22
N LEU C 6 -11.07 6.07 -24.02
CA LEU C 6 -10.26 6.89 -24.90
C LEU C 6 -10.17 6.18 -26.23
N GLN C 7 -10.76 6.76 -27.28
CA GLN C 7 -10.86 6.09 -28.57
C GLN C 7 -10.03 6.84 -29.60
N ALA C 8 -9.06 6.15 -30.17
CA ALA C 8 -8.17 6.73 -31.16
C ALA C 8 -8.74 6.56 -32.56
N SER C 9 -8.44 7.55 -33.40
CA SER C 9 -8.89 7.55 -34.78
C SER C 9 -7.90 8.35 -35.62
N GLY C 10 -8.09 8.30 -36.93
CA GLY C 10 -7.33 9.10 -37.88
C GLY C 10 -6.22 8.36 -38.59
N GLY C 11 -5.97 7.11 -38.26
CA GLY C 11 -4.93 6.36 -38.93
C GLY C 11 -5.21 6.19 -40.40
N GLY C 12 -4.18 5.82 -41.13
CA GLY C 12 -4.29 5.67 -42.57
C GLY C 12 -3.00 5.17 -43.16
N LEU C 13 -3.01 5.04 -44.48
CA LEU C 13 -1.86 4.62 -45.27
C LEU C 13 -1.27 5.84 -45.96
N VAL C 14 0.03 6.07 -45.75
CA VAL C 14 0.71 7.22 -46.33
C VAL C 14 2.10 6.83 -46.83
N ARG C 15 2.63 7.64 -47.72
CA ARG C 15 3.98 7.44 -48.23
C ARG C 15 5.01 8.00 -47.26
N PRO C 16 6.24 7.47 -47.28
CA PRO C 16 7.32 8.10 -46.52
C PRO C 16 7.41 9.58 -46.84
N GLY C 17 7.63 10.38 -45.81
CA GLY C 17 7.64 11.82 -45.95
C GLY C 17 6.29 12.46 -45.73
N GLY C 18 5.23 11.66 -45.66
CA GLY C 18 3.89 12.18 -45.57
C GLY C 18 3.51 12.59 -44.15
N SER C 19 2.25 12.97 -44.02
CA SER C 19 1.72 13.52 -42.79
C SER C 19 0.37 12.90 -42.48
N LEU C 20 0.06 12.82 -41.18
CA LEU C 20 -1.20 12.27 -40.70
C LEU C 20 -1.45 12.90 -39.33
N ARG C 21 -2.71 13.20 -39.04
CA ARG C 21 -3.09 13.68 -37.72
C ARG C 21 -4.02 12.68 -37.05
N LEU C 22 -3.59 12.16 -35.92
CA LEU C 22 -4.42 11.26 -35.13
C LEU C 22 -5.21 12.06 -34.11
N SER C 23 -6.40 11.55 -33.77
CA SER C 23 -7.25 12.12 -32.75
C SER C 23 -7.61 11.05 -31.74
N CYS C 24 -7.97 11.51 -30.55
N CYS C 24 -7.95 11.51 -30.53
CA CYS C 24 -8.34 10.61 -29.48
CA CYS C 24 -8.30 10.62 -29.42
C CYS C 24 -9.46 11.28 -28.70
C CYS C 24 -9.45 11.28 -28.67
N ALA C 25 -10.62 10.66 -28.70
CA ALA C 25 -11.80 11.18 -28.04
C ALA C 25 -11.90 10.60 -26.64
N ALA C 26 -11.97 11.47 -25.63
CA ALA C 26 -12.05 11.05 -24.24
C ALA C 26 -13.48 11.19 -23.71
N SER C 27 -13.87 10.26 -22.86
CA SER C 27 -15.18 10.33 -22.22
C SER C 27 -15.15 9.60 -20.89
N GLY C 28 -16.07 10.01 -20.01
CA GLY C 28 -16.24 9.36 -18.74
C GLY C 28 -15.43 9.90 -17.60
N PHE C 29 -14.65 10.94 -17.80
CA PHE C 29 -13.78 11.48 -16.77
C PHE C 29 -13.45 12.92 -17.15
N THR C 30 -12.85 13.65 -16.21
CA THR C 30 -12.51 15.05 -16.41
C THR C 30 -11.18 15.12 -17.14
N PHE C 31 -11.25 15.24 -18.47
CA PHE C 31 -10.09 15.13 -19.34
C PHE C 31 -9.01 16.14 -18.97
N SER C 32 -9.39 17.38 -18.72
CA SER C 32 -8.40 18.43 -18.43
C SER C 32 -7.63 18.19 -17.15
N SER C 33 -8.07 17.27 -16.29
CA SER C 33 -7.38 17.01 -15.03
C SER C 33 -6.23 16.04 -15.18
N TYR C 34 -5.97 15.54 -16.39
CA TYR C 34 -5.02 14.47 -16.56
C TYR C 34 -3.98 14.77 -17.62
N ALA C 35 -2.73 14.47 -17.29
CA ALA C 35 -1.72 14.30 -18.31
C ALA C 35 -2.08 13.11 -19.18
N MET C 36 -1.72 13.19 -20.47
CA MET C 36 -2.08 12.19 -21.46
C MET C 36 -0.83 11.74 -22.21
N MET C 37 -0.92 10.55 -22.80
CA MET C 37 0.18 10.02 -23.58
C MET C 37 -0.32 9.29 -24.82
N TRP C 38 0.55 9.23 -25.82
CA TRP C 38 0.39 8.33 -26.96
C TRP C 38 1.45 7.24 -26.85
N VAL C 39 1.07 6.02 -27.20
CA VAL C 39 1.95 4.87 -27.29
C VAL C 39 1.63 4.18 -28.61
N ARG C 40 2.53 3.30 -29.04
CA ARG C 40 2.34 2.62 -30.31
C ARG C 40 2.93 1.22 -30.24
N GLN C 41 2.38 0.33 -31.05
CA GLN C 41 2.88 -1.03 -31.13
C GLN C 41 2.98 -1.47 -32.57
N ALA C 42 4.18 -1.72 -33.00
CA ALA C 42 4.53 -2.16 -34.34
C ALA C 42 4.47 -3.67 -34.40
N PRO C 43 4.26 -4.22 -35.58
CA PRO C 43 4.15 -5.68 -35.69
C PRO C 43 5.39 -6.38 -35.14
N GLY C 44 5.16 -7.35 -34.27
CA GLY C 44 6.27 -8.12 -33.71
C GLY C 44 7.25 -7.29 -32.91
N LYS C 45 6.80 -6.18 -32.33
CA LYS C 45 7.64 -5.35 -31.48
C LYS C 45 6.87 -5.02 -30.20
N GLY C 46 7.62 -4.64 -29.18
CA GLY C 46 7.00 -4.25 -27.93
C GLY C 46 6.40 -2.86 -28.02
N LEU C 47 5.48 -2.60 -27.11
CA LEU C 47 4.87 -1.29 -27.03
C LEU C 47 5.93 -0.22 -26.76
N GLU C 48 5.84 0.89 -27.50
CA GLU C 48 6.77 2.02 -27.40
C GLU C 48 6.01 3.28 -27.01
N TRP C 49 6.45 3.90 -25.93
CA TRP C 49 5.93 5.22 -25.57
C TRP C 49 6.38 6.28 -26.58
N VAL C 50 5.44 7.14 -26.97
CA VAL C 50 5.64 8.14 -28.03
C VAL C 50 5.75 9.55 -27.49
N SER C 51 4.80 9.99 -26.68
N SER C 51 4.80 9.98 -26.66
CA SER C 51 4.81 11.37 -26.22
CA SER C 51 4.74 11.38 -26.26
C SER C 51 3.84 11.52 -25.06
C SER C 51 3.81 11.53 -25.07
N ALA C 52 4.00 12.63 -24.35
CA ALA C 52 3.14 12.98 -23.21
C ALA C 52 2.90 14.48 -23.18
N ILE C 53 1.77 14.89 -22.59
CA ILE C 53 1.36 16.29 -22.51
C ILE C 53 0.61 16.51 -21.20
N ASN C 54 0.83 17.67 -20.58
CA ASN C 54 0.12 18.03 -19.36
C ASN C 54 -1.29 18.52 -19.65
N GLY C 55 -2.08 18.65 -18.60
CA GLY C 55 -3.42 19.20 -18.76
C GLY C 55 -3.42 20.57 -19.42
N GLY C 56 -2.45 21.43 -19.08
CA GLY C 56 -2.42 22.79 -19.59
C GLY C 56 -1.95 22.94 -21.02
N GLY C 57 -1.40 21.89 -21.61
CA GLY C 57 -1.06 21.87 -23.02
C GLY C 57 0.27 22.45 -23.43
N GLY C 58 1.04 23.00 -22.53
CA GLY C 58 2.31 23.62 -22.88
C GLY C 58 3.54 22.81 -22.51
N SER C 59 3.37 21.76 -21.72
CA SER C 59 4.47 20.92 -21.25
C SER C 59 4.37 19.58 -21.95
N THR C 60 5.40 19.23 -22.73
CA THR C 60 5.39 18.03 -23.54
C THR C 60 6.77 17.37 -23.53
N SER C 61 6.78 16.06 -23.84
CA SER C 61 8.01 15.37 -24.15
C SER C 61 7.74 14.25 -25.15
N TYR C 62 8.82 13.74 -25.73
CA TYR C 62 8.76 12.86 -26.88
C TYR C 62 9.86 11.81 -26.80
N ALA C 63 9.55 10.62 -27.34
CA ALA C 63 10.59 9.63 -27.58
C ALA C 63 11.60 10.20 -28.57
N ASP C 64 12.87 9.85 -28.37
CA ASP C 64 13.93 10.31 -29.29
C ASP C 64 13.61 9.95 -30.73
N SER C 65 12.90 8.83 -30.96
CA SER C 65 12.64 8.36 -32.32
C SER C 65 11.65 9.24 -33.07
N VAL C 66 10.89 10.10 -32.38
CA VAL C 66 9.88 10.94 -33.01
C VAL C 66 10.08 12.42 -32.75
N LYS C 67 10.96 12.79 -31.82
CA LYS C 67 11.17 14.20 -31.49
C LYS C 67 11.51 14.99 -32.74
N GLY C 68 10.86 16.14 -32.91
CA GLY C 68 11.11 16.98 -34.05
C GLY C 68 10.29 16.67 -35.28
N ARG C 69 9.55 15.56 -35.28
CA ARG C 69 8.72 15.17 -36.41
C ARG C 69 7.24 15.07 -36.04
N PHE C 70 6.94 14.77 -34.78
CA PHE C 70 5.58 14.65 -34.30
C PHE C 70 5.34 15.72 -33.24
N THR C 71 4.10 16.20 -33.15
CA THR C 71 3.69 17.03 -32.03
C THR C 71 2.40 16.51 -31.39
N ILE C 72 2.38 16.53 -30.06
CA ILE C 72 1.20 16.20 -29.28
C ILE C 72 0.50 17.50 -28.91
N SER C 73 -0.83 17.49 -28.92
CA SER C 73 -1.61 18.65 -28.52
C SER C 73 -2.95 18.16 -27.98
N ARG C 74 -3.72 19.10 -27.45
CA ARG C 74 -5.00 18.74 -26.87
C ARG C 74 -5.94 19.93 -26.96
N ASP C 75 -7.25 19.63 -27.00
CA ASP C 75 -8.31 20.63 -26.96
C ASP C 75 -9.22 20.19 -25.82
N ASN C 76 -9.05 20.81 -24.65
CA ASN C 76 -9.82 20.38 -23.49
C ASN C 76 -11.31 20.66 -23.65
N ALA C 77 -11.68 21.74 -24.36
CA ALA C 77 -13.09 22.02 -24.60
C ALA C 77 -13.77 20.92 -25.40
N LYS C 78 -13.00 20.20 -26.22
CA LYS C 78 -13.55 19.12 -27.05
C LYS C 78 -13.20 17.73 -26.52
N ASN C 79 -12.57 17.64 -25.35
CA ASN C 79 -12.18 16.33 -24.80
C ASN C 79 -11.35 15.53 -25.81
N THR C 80 -10.47 16.19 -26.53
CA THR C 80 -9.71 15.53 -27.59
C THR C 80 -8.21 15.74 -27.45
N LEU C 81 -7.46 14.66 -27.70
CA LEU C 81 -6.02 14.62 -27.79
C LEU C 81 -5.64 14.37 -29.24
N TYR C 82 -4.54 14.98 -29.66
CA TYR C 82 -4.07 14.85 -31.04
C TYR C 82 -2.60 14.45 -31.10
N LEU C 83 -2.23 13.82 -32.21
CA LEU C 83 -0.83 13.59 -32.57
C LEU C 83 -0.67 13.99 -34.03
N GLN C 84 0.04 15.08 -34.27
CA GLN C 84 0.33 15.54 -35.62
C GLN C 84 1.67 14.93 -36.05
N MET C 85 1.63 14.08 -37.07
CA MET C 85 2.82 13.36 -37.54
C MET C 85 3.26 13.93 -38.87
N ASN C 86 4.51 14.35 -38.95
CA ASN C 86 5.11 14.76 -40.22
C ASN C 86 6.36 13.94 -40.49
N SER C 87 6.87 14.06 -41.72
CA SER C 87 8.10 13.37 -42.12
C SER C 87 8.03 11.90 -41.72
N LEU C 88 6.90 11.28 -42.04
CA LEU C 88 6.68 9.90 -41.62
C LEU C 88 7.71 8.96 -42.24
N LYS C 89 8.12 7.96 -41.48
CA LYS C 89 9.08 6.94 -41.86
C LYS C 89 8.41 5.57 -41.81
N PRO C 90 8.91 4.61 -42.58
CA PRO C 90 8.36 3.24 -42.47
C PRO C 90 8.32 2.72 -41.04
N GLU C 91 9.34 3.07 -40.25
CA GLU C 91 9.44 2.65 -38.85
C GLU C 91 8.34 3.22 -37.97
N ASP C 92 7.56 4.18 -38.46
CA ASP C 92 6.41 4.71 -37.73
C ASP C 92 5.15 3.86 -37.91
N THR C 93 5.19 2.83 -38.77
CA THR C 93 4.06 1.93 -38.94
C THR C 93 3.78 1.19 -37.64
N ALA C 94 2.53 1.27 -37.16
CA ALA C 94 2.15 0.72 -35.87
C ALA C 94 0.67 1.03 -35.61
N VAL C 95 0.10 0.32 -34.65
CA VAL C 95 -1.17 0.72 -34.05
C VAL C 95 -0.87 1.72 -32.94
N TYR C 96 -1.53 2.88 -32.99
CA TYR C 96 -1.34 3.96 -32.03
C TYR C 96 -2.52 3.96 -31.05
N TYR C 97 -2.18 4.17 -29.77
CA TYR C 97 -3.16 4.22 -28.71
C TYR C 97 -2.93 5.47 -27.85
N CYS C 98 -4.01 6.05 -27.37
N CYS C 98 -4.00 6.02 -27.32
CA CYS C 98 -3.90 7.13 -26.40
CA CYS C 98 -3.95 7.15 -26.40
C CYS C 98 -4.30 6.61 -25.01
C CYS C 98 -4.42 6.71 -25.03
N ALA C 99 -3.85 7.33 -23.99
CA ALA C 99 -4.10 6.87 -22.62
C ALA C 99 -3.81 7.98 -21.64
N LYS C 100 -4.44 7.92 -20.48
CA LYS C 100 -3.96 8.73 -19.37
C LYS C 100 -2.48 8.42 -19.12
N TYR C 101 -1.68 9.44 -18.81
CA TYR C 101 -0.27 9.20 -18.54
C TYR C 101 -0.12 8.22 -17.38
N GLN C 102 0.80 7.27 -17.50
CA GLN C 102 1.24 6.50 -16.34
C GLN C 102 2.71 6.16 -16.51
N ALA C 103 3.43 6.11 -15.39
CA ALA C 103 4.80 5.61 -15.40
C ALA C 103 4.79 4.10 -15.62
N ALA C 104 5.88 3.57 -16.18
CA ALA C 104 5.98 2.13 -16.43
C ALA C 104 7.43 1.77 -16.65
N VAL C 105 7.73 0.49 -16.43
CA VAL C 105 8.96 -0.12 -16.90
C VAL C 105 8.55 -1.24 -17.84
N HIS C 106 8.68 -1.00 -19.14
CA HIS C 106 8.25 -1.91 -20.20
C HIS C 106 6.74 -2.11 -20.16
N GLN C 107 6.04 -1.00 -20.39
CA GLN C 107 4.59 -1.01 -20.58
C GLN C 107 4.17 -2.08 -21.59
N GLU C 108 3.14 -2.83 -21.25
CA GLU C 108 2.48 -3.74 -22.17
C GLU C 108 1.08 -3.23 -22.49
N LYS C 109 0.50 -3.72 -23.57
CA LYS C 109 -0.80 -3.19 -24.00
C LYS C 109 -1.83 -3.40 -22.91
N GLU C 110 -2.70 -2.41 -22.73
CA GLU C 110 -3.81 -2.49 -21.79
C GLU C 110 -5.14 -2.64 -22.53
N ASP C 111 -6.03 -3.46 -21.97
CA ASP C 111 -7.32 -3.69 -22.60
C ASP C 111 -8.17 -2.41 -22.64
N TYR C 112 -8.08 -1.58 -21.61
CA TYR C 112 -8.90 -0.37 -21.54
C TYR C 112 -8.51 0.70 -22.56
N TRP C 113 -7.45 0.51 -23.34
CA TRP C 113 -7.12 1.47 -24.40
C TRP C 113 -8.00 1.36 -25.62
N GLY C 114 -8.68 0.23 -25.81
CA GLY C 114 -9.45 0.02 -27.00
C GLY C 114 -8.61 -0.51 -28.15
N GLN C 115 -9.15 -0.38 -29.37
CA GLN C 115 -8.53 -0.97 -30.54
C GLN C 115 -7.38 -0.15 -31.11
N GLY C 116 -7.26 1.13 -30.78
CA GLY C 116 -6.24 1.95 -31.37
C GLY C 116 -6.52 2.25 -32.83
N THR C 117 -5.57 2.93 -33.46
CA THR C 117 -5.71 3.32 -34.85
C THR C 117 -4.46 2.94 -35.61
N GLN C 118 -4.65 2.31 -36.77
CA GLN C 118 -3.53 1.80 -37.56
C GLN C 118 -2.93 2.88 -38.44
N VAL C 119 -1.62 3.04 -38.36
CA VAL C 119 -0.85 3.90 -39.26
C VAL C 119 0.08 3.01 -40.06
N THR C 120 0.08 3.17 -41.39
CA THR C 120 0.99 2.41 -42.24
C THR C 120 1.71 3.39 -43.17
N VAL C 121 3.03 3.33 -43.17
CA VAL C 121 3.87 4.22 -43.98
C VAL C 121 4.63 3.32 -44.95
N SER C 122 4.37 3.51 -46.25
CA SER C 122 4.95 2.63 -47.26
C SER C 122 4.97 3.32 -48.61
N SER C 123 6.03 3.05 -49.39
CA SER C 123 6.13 3.60 -50.73
C SER C 123 5.05 3.08 -51.66
N ALA C 124 4.42 1.94 -51.32
CA ALA C 124 3.36 1.39 -52.15
C ALA C 124 2.11 2.26 -52.11
N ALA C 125 1.91 3.00 -51.01
CA ALA C 125 0.83 3.96 -50.92
C ALA C 125 0.93 4.93 -52.10
N GLU D 3 -24.90 3.05 7.61
CA GLU D 3 -23.57 3.35 8.23
C GLU D 3 -23.22 2.41 9.37
N VAL D 4 -21.93 2.07 9.46
CA VAL D 4 -21.46 1.12 10.46
C VAL D 4 -21.60 1.73 11.85
N GLN D 5 -22.26 1.01 12.75
CA GLN D 5 -22.52 1.51 14.09
C GLN D 5 -22.50 0.37 15.10
N LEU D 6 -21.96 0.66 16.27
CA LEU D 6 -22.04 -0.23 17.43
C LEU D 6 -22.58 0.58 18.59
N GLN D 7 -23.46 -0.04 19.38
CA GLN D 7 -24.06 0.61 20.55
C GLN D 7 -23.93 -0.32 21.75
N ALA D 8 -23.07 0.05 22.69
CA ALA D 8 -22.87 -0.75 23.89
C ALA D 8 -23.86 -0.32 24.94
N SER D 9 -24.34 -1.29 25.74
CA SER D 9 -25.26 -0.99 26.83
C SER D 9 -25.10 -2.03 27.94
N GLY D 10 -25.83 -1.81 29.05
CA GLY D 10 -25.89 -2.75 30.15
C GLY D 10 -25.05 -2.36 31.34
N GLY D 11 -24.26 -1.30 31.22
CA GLY D 11 -23.42 -0.88 32.33
C GLY D 11 -24.22 -0.36 33.49
N GLY D 12 -23.52 -0.19 34.62
CA GLY D 12 -24.13 0.34 35.80
C GLY D 12 -23.20 0.21 36.99
N LEU D 13 -23.77 0.49 38.17
CA LEU D 13 -23.05 0.48 39.43
C LEU D 13 -23.27 -0.88 40.08
N VAL D 14 -22.17 -1.55 40.44
CA VAL D 14 -22.20 -2.92 40.91
C VAL D 14 -21.34 -3.05 42.17
N ARG D 15 -21.79 -3.86 43.12
CA ARG D 15 -21.00 -4.13 44.32
C ARG D 15 -19.79 -5.01 43.97
N PRO D 16 -18.67 -4.83 44.68
CA PRO D 16 -17.56 -5.77 44.48
C PRO D 16 -18.04 -7.19 44.75
N GLY D 17 -17.65 -8.11 43.87
CA GLY D 17 -18.11 -9.47 43.92
C GLY D 17 -19.30 -9.74 43.03
N GLY D 18 -19.93 -8.70 42.51
CA GLY D 18 -21.15 -8.86 41.75
C GLY D 18 -20.93 -9.23 40.30
N SER D 19 -22.04 -9.23 39.56
CA SER D 19 -22.05 -9.62 38.17
C SER D 19 -22.86 -8.63 37.35
N LEU D 20 -22.53 -8.54 36.06
CA LEU D 20 -23.22 -7.68 35.11
C LEU D 20 -23.01 -8.24 33.71
N ARG D 21 -24.02 -8.15 32.87
CA ARG D 21 -23.93 -8.54 31.48
C ARG D 21 -24.08 -7.32 30.57
N LEU D 22 -23.08 -7.12 29.71
CA LEU D 22 -23.11 -6.05 28.73
C LEU D 22 -23.59 -6.58 27.40
N SER D 23 -24.21 -5.69 26.63
CA SER D 23 -24.70 -6.00 25.29
C SER D 23 -24.14 -4.96 24.32
N CYS D 24 -24.10 -5.34 23.05
N CYS D 24 -24.05 -5.35 23.07
CA CYS D 24 -23.56 -4.46 22.01
CA CYS D 24 -23.63 -4.42 22.04
C CYS D 24 -24.33 -4.73 20.73
C CYS D 24 -24.37 -4.75 20.76
N ALA D 25 -25.13 -3.77 20.27
CA ALA D 25 -25.92 -3.92 19.07
C ALA D 25 -25.17 -3.40 17.84
N ALA D 26 -25.09 -4.22 16.81
CA ALA D 26 -24.38 -3.88 15.59
C ALA D 26 -25.34 -3.57 14.47
N SER D 27 -24.99 -2.59 13.65
CA SER D 27 -25.80 -2.26 12.48
C SER D 27 -24.89 -1.73 11.38
N GLY D 28 -25.35 -1.90 10.14
CA GLY D 28 -24.65 -1.32 9.02
C GLY D 28 -23.52 -2.15 8.45
N PHE D 29 -23.35 -3.39 8.90
CA PHE D 29 -22.37 -4.31 8.34
C PHE D 29 -22.82 -5.73 8.63
N THR D 30 -22.22 -6.68 7.93
CA THR D 30 -22.54 -8.09 8.07
C THR D 30 -21.86 -8.63 9.33
N PHE D 31 -22.54 -8.47 10.48
CA PHE D 31 -21.98 -8.80 11.79
C PHE D 31 -21.42 -10.22 11.85
N SER D 32 -22.15 -11.19 11.28
CA SER D 32 -21.73 -12.58 11.38
C SER D 32 -20.41 -12.85 10.67
N SER D 33 -19.96 -11.96 9.79
CA SER D 33 -18.72 -12.17 9.06
C SER D 33 -17.49 -11.64 9.78
N TYR D 34 -17.65 -11.06 10.97
CA TYR D 34 -16.55 -10.38 11.62
C TYR D 34 -16.22 -10.97 12.97
N ALA D 35 -14.94 -11.18 13.23
CA ALA D 35 -14.45 -11.32 14.58
C ALA D 35 -14.71 -9.99 15.30
N MET D 36 -15.07 -10.07 16.58
CA MET D 36 -15.45 -8.91 17.37
C MET D 36 -14.62 -8.90 18.64
N MET D 37 -14.55 -7.73 19.27
CA MET D 37 -13.79 -7.60 20.50
C MET D 37 -14.49 -6.65 21.47
N TRP D 38 -14.19 -6.82 22.75
CA TRP D 38 -14.46 -5.84 23.79
C TRP D 38 -13.16 -5.19 24.24
N VAL D 39 -13.23 -3.88 24.51
CA VAL D 39 -12.13 -3.12 25.08
C VAL D 39 -12.70 -2.26 26.19
N ARG D 40 -11.84 -1.74 27.06
CA ARG D 40 -12.33 -0.90 28.15
C ARG D 40 -11.32 0.20 28.46
N GLN D 41 -11.81 1.32 28.95
CA GLN D 41 -10.90 2.41 29.31
C GLN D 41 -11.32 3.04 30.63
N ALA D 42 -10.40 2.99 31.58
CA ALA D 42 -10.54 3.60 32.89
C ALA D 42 -10.01 5.01 32.85
N PRO D 43 -10.43 5.86 33.77
CA PRO D 43 -10.06 7.28 33.69
C PRO D 43 -8.55 7.49 33.71
N GLY D 44 -8.09 8.29 32.76
CA GLY D 44 -6.68 8.61 32.65
C GLY D 44 -5.80 7.49 32.19
N LYS D 45 -6.35 6.31 31.96
CA LYS D 45 -5.55 5.14 31.63
C LYS D 45 -5.65 4.82 30.14
N GLY D 46 -4.78 3.91 29.71
CA GLY D 46 -4.84 3.45 28.35
C GLY D 46 -6.01 2.52 28.13
N LEU D 47 -6.49 2.51 26.89
CA LEU D 47 -7.51 1.56 26.50
C LEU D 47 -6.94 0.15 26.61
N GLU D 48 -7.68 -0.74 27.28
CA GLU D 48 -7.26 -2.12 27.53
C GLU D 48 -8.13 -3.09 26.73
N TRP D 49 -7.50 -3.91 25.88
CA TRP D 49 -8.20 -4.98 25.20
C TRP D 49 -8.65 -6.01 26.23
N VAL D 50 -9.89 -6.48 26.10
CA VAL D 50 -10.51 -7.38 27.05
C VAL D 50 -10.69 -8.80 26.49
N SER D 51 -11.29 -8.92 25.30
N SER D 51 -11.26 -8.93 25.29
CA SER D 51 -11.59 -10.25 24.76
CA SER D 51 -11.65 -10.24 24.77
C SER D 51 -11.91 -10.15 23.28
C SER D 51 -11.95 -10.15 23.28
N ALA D 52 -11.88 -11.30 22.61
CA ALA D 52 -12.20 -11.41 21.19
C ALA D 52 -12.93 -12.73 20.92
N ILE D 53 -13.73 -12.76 19.86
CA ILE D 53 -14.53 -13.93 19.49
C ILE D 53 -14.68 -13.97 17.98
N ASN D 54 -14.63 -15.17 17.43
CA ASN D 54 -14.81 -15.35 16.00
C ASN D 54 -16.30 -15.27 15.61
N GLY D 55 -16.55 -15.24 14.31
CA GLY D 55 -17.92 -15.27 13.83
C GLY D 55 -18.72 -16.47 14.33
N GLY D 56 -18.09 -17.63 14.36
CA GLY D 56 -18.75 -18.87 14.73
C GLY D 56 -18.99 -19.07 16.21
N GLY D 57 -18.39 -18.23 17.05
CA GLY D 57 -18.69 -18.19 18.46
C GLY D 57 -17.93 -19.14 19.37
N GLY D 58 -17.15 -20.06 18.83
CA GLY D 58 -16.45 -21.03 19.65
C GLY D 58 -14.98 -20.75 19.90
N SER D 59 -14.42 -19.79 19.17
CA SER D 59 -13.01 -19.42 19.28
C SER D 59 -12.94 -18.06 19.99
N THR D 60 -12.32 -18.05 21.17
CA THR D 60 -12.27 -16.85 22.01
C THR D 60 -10.90 -16.72 22.67
N SER D 61 -10.56 -15.49 23.05
CA SER D 61 -9.39 -15.24 23.88
C SER D 61 -9.68 -14.05 24.79
N TYR D 62 -8.88 -13.97 25.87
CA TYR D 62 -9.11 -13.00 26.94
C TYR D 62 -7.81 -12.43 27.45
N ALA D 63 -7.87 -11.18 27.89
CA ALA D 63 -6.75 -10.62 28.63
C ALA D 63 -6.57 -11.38 29.94
N ASP D 64 -5.31 -11.50 30.38
CA ASP D 64 -5.05 -12.14 31.66
C ASP D 64 -5.84 -11.51 32.80
N SER D 65 -6.12 -10.21 32.73
CA SER D 65 -6.80 -9.49 33.80
C SER D 65 -8.24 -9.95 33.98
N VAL D 66 -8.84 -10.60 32.98
CA VAL D 66 -10.25 -10.98 33.07
C VAL D 66 -10.49 -12.46 32.83
N LYS D 67 -9.50 -13.18 32.30
CA LYS D 67 -9.70 -14.59 31.96
C LYS D 67 -10.21 -15.35 33.17
N GLY D 68 -11.22 -16.19 32.95
CA GLY D 68 -11.82 -16.98 34.01
C GLY D 68 -12.94 -16.30 34.77
N ARG D 69 -13.16 -15.01 34.59
CA ARG D 69 -14.21 -14.26 35.25
C ARG D 69 -15.21 -13.66 34.28
N PHE D 70 -14.79 -13.37 33.05
CA PHE D 70 -15.68 -12.82 32.04
C PHE D 70 -15.78 -13.83 30.88
N THR D 71 -16.94 -13.86 30.23
CA THR D 71 -17.10 -14.59 28.97
C THR D 71 -17.68 -13.69 27.89
N ILE D 72 -17.10 -13.78 26.69
CA ILE D 72 -17.61 -13.10 25.51
C ILE D 72 -18.50 -14.08 24.75
N SER D 73 -19.60 -13.59 24.18
CA SER D 73 -20.50 -14.43 23.39
C SER D 73 -21.20 -13.55 22.35
N ARG D 74 -21.91 -14.18 21.43
CA ARG D 74 -22.60 -13.44 20.38
C ARG D 74 -23.85 -14.20 19.96
N ASP D 75 -24.82 -13.44 19.47
CA ASP D 75 -26.03 -13.97 18.86
C ASP D 75 -26.12 -13.34 17.47
N ASN D 76 -25.67 -14.07 16.46
CA ASN D 76 -25.61 -13.49 15.12
C ASN D 76 -27.00 -13.19 14.59
N ALA D 77 -28.00 -13.99 14.93
CA ALA D 77 -29.36 -13.73 14.47
C ALA D 77 -29.88 -12.39 14.98
N LYS D 78 -29.39 -11.94 16.14
CA LYS D 78 -29.77 -10.66 16.72
C LYS D 78 -28.72 -9.58 16.52
N ASN D 79 -27.64 -9.87 15.79
CA ASN D 79 -26.55 -8.92 15.56
C ASN D 79 -26.09 -8.27 16.85
N THR D 80 -25.92 -9.10 17.88
CA THR D 80 -25.54 -8.61 19.20
C THR D 80 -24.36 -9.38 19.77
N LEU D 81 -23.48 -8.65 20.43
CA LEU D 81 -22.32 -9.16 21.15
C LEU D 81 -22.59 -8.98 22.63
N TYR D 82 -22.08 -9.90 23.44
CA TYR D 82 -22.28 -9.83 24.88
C TYR D 82 -20.97 -10.00 25.65
N LEU D 83 -20.95 -9.48 26.88
CA LEU D 83 -19.86 -9.72 27.82
C LEU D 83 -20.49 -10.01 29.17
N GLN D 84 -20.37 -11.27 29.62
CA GLN D 84 -20.88 -11.68 30.91
C GLN D 84 -19.75 -11.57 31.92
N MET D 85 -19.92 -10.69 32.90
CA MET D 85 -18.89 -10.40 33.89
C MET D 85 -19.31 -10.95 35.24
N ASN D 86 -18.45 -11.77 35.85
CA ASN D 86 -18.68 -12.25 37.20
C ASN D 86 -17.49 -11.88 38.09
N SER D 87 -17.67 -12.00 39.39
CA SER D 87 -16.60 -11.75 40.34
C SER D 87 -15.94 -10.39 40.09
N LEU D 88 -16.77 -9.37 39.94
CA LEU D 88 -16.28 -8.06 39.57
C LEU D 88 -15.46 -7.45 40.70
N LYS D 89 -14.44 -6.68 40.33
CA LYS D 89 -13.51 -6.03 41.23
C LYS D 89 -13.53 -4.54 40.93
N PRO D 90 -13.13 -3.69 41.89
CA PRO D 90 -13.04 -2.24 41.60
C PRO D 90 -12.17 -1.94 40.40
N GLU D 91 -11.10 -2.72 40.19
CA GLU D 91 -10.21 -2.51 39.04
C GLU D 91 -10.91 -2.74 37.69
N ASP D 92 -12.11 -3.32 37.68
CA ASP D 92 -12.87 -3.53 36.45
C ASP D 92 -13.69 -2.29 36.07
N THR D 93 -13.68 -1.26 36.90
CA THR D 93 -14.38 -0.02 36.58
C THR D 93 -13.78 0.62 35.34
N ALA D 94 -14.63 0.98 34.38
CA ALA D 94 -14.17 1.55 33.11
C ALA D 94 -15.38 1.78 32.22
N VAL D 95 -15.18 2.53 31.14
CA VAL D 95 -16.11 2.54 30.02
C VAL D 95 -15.76 1.38 29.09
N TYR D 96 -16.76 0.55 28.78
CA TYR D 96 -16.58 -0.63 27.94
C TYR D 96 -17.15 -0.36 26.56
N TYR D 97 -16.41 -0.79 25.54
CA TYR D 97 -16.78 -0.62 24.15
C TYR D 97 -16.62 -1.94 23.42
N CYS D 98 -17.53 -2.20 22.50
N CYS D 98 -17.54 -2.20 22.51
CA CYS D 98 -17.41 -3.31 21.57
CA CYS D 98 -17.39 -3.28 21.55
C CYS D 98 -16.98 -2.77 20.20
C CYS D 98 -16.84 -2.72 20.25
N ALA D 99 -16.27 -3.60 19.44
CA ALA D 99 -15.62 -3.16 18.21
C ALA D 99 -15.40 -4.35 17.29
N LYS D 100 -15.38 -4.09 15.98
CA LYS D 100 -14.83 -5.11 15.10
C LYS D 100 -13.39 -5.40 15.50
N TYR D 101 -13.01 -6.67 15.45
CA TYR D 101 -11.65 -7.01 15.80
C TYR D 101 -10.68 -6.28 14.88
N GLN D 102 -9.60 -5.75 15.46
CA GLN D 102 -8.44 -5.36 14.66
C GLN D 102 -7.17 -5.55 15.48
N ALA D 103 -6.06 -5.81 14.80
CA ALA D 103 -4.76 -5.80 15.47
C ALA D 103 -4.37 -4.36 15.81
N ALA D 104 -3.53 -4.22 16.83
CA ALA D 104 -3.06 -2.90 17.20
C ALA D 104 -1.81 -3.02 18.05
N VAL D 105 -1.04 -1.94 18.10
CA VAL D 105 -0.06 -1.73 19.15
C VAL D 105 -0.52 -0.49 19.90
N HIS D 106 -1.21 -0.71 21.01
CA HIS D 106 -1.94 0.29 21.79
C HIS D 106 -3.14 0.85 21.04
N GLN D 107 -4.23 0.10 21.08
CA GLN D 107 -5.47 0.51 20.44
C GLN D 107 -5.95 1.84 21.01
N GLU D 108 -6.57 2.65 20.16
CA GLU D 108 -7.17 3.92 20.53
C GLU D 108 -8.63 3.95 20.09
N LYS D 109 -9.41 4.78 20.78
CA LYS D 109 -10.85 4.82 20.56
C LYS D 109 -11.17 5.15 19.11
N GLU D 110 -12.27 4.59 18.62
CA GLU D 110 -12.77 4.85 17.27
C GLU D 110 -14.21 5.36 17.35
N ASP D 111 -14.53 6.28 16.46
CA ASP D 111 -15.80 7.01 16.55
C ASP D 111 -16.99 6.06 16.38
N TYR D 112 -16.88 5.07 15.49
CA TYR D 112 -18.04 4.24 15.17
C TYR D 112 -18.46 3.35 16.32
N TRP D 113 -17.63 3.24 17.36
CA TRP D 113 -17.97 2.48 18.56
C TRP D 113 -19.04 3.17 19.40
N GLY D 114 -19.30 4.45 19.16
CA GLY D 114 -20.21 5.18 20.02
C GLY D 114 -19.60 5.50 21.38
N GLN D 115 -20.47 5.79 22.34
CA GLN D 115 -20.06 6.28 23.64
C GLN D 115 -19.70 5.20 24.65
N GLY D 116 -19.92 3.93 24.32
CA GLY D 116 -19.61 2.88 25.27
C GLY D 116 -20.61 2.84 26.41
N THR D 117 -20.29 1.98 27.39
CA THR D 117 -21.15 1.84 28.55
C THR D 117 -20.32 1.81 29.83
N GLN D 118 -20.70 2.64 30.79
CA GLN D 118 -19.91 2.80 32.00
C GLN D 118 -20.22 1.68 32.98
N VAL D 119 -19.18 1.03 33.49
CA VAL D 119 -19.25 0.01 34.53
C VAL D 119 -18.49 0.55 35.73
N THR D 120 -19.17 0.63 36.87
CA THR D 120 -18.55 1.14 38.09
C THR D 120 -18.73 0.10 39.17
N VAL D 121 -17.63 -0.45 39.66
CA VAL D 121 -17.60 -1.44 40.72
C VAL D 121 -17.00 -0.77 41.94
N SER D 122 -17.78 -0.62 43.00
CA SER D 122 -17.24 0.07 44.16
C SER D 122 -18.07 -0.24 45.39
N SER D 123 -17.45 -0.03 46.55
CA SER D 123 -18.16 -0.19 47.81
C SER D 123 -19.34 0.77 47.93
N ALA D 124 -19.33 1.86 47.17
CA ALA D 124 -20.43 2.81 47.19
C ALA D 124 -21.75 2.15 46.76
N ALA D 125 -21.69 1.13 45.91
CA ALA D 125 -22.90 0.38 45.57
C ALA D 125 -23.44 -0.25 46.87
S SO4 E . 33.42 8.67 -3.73
O1 SO4 E . 31.96 8.50 -3.66
O2 SO4 E . 34.09 7.38 -3.52
O3 SO4 E . 33.78 9.19 -5.04
O4 SO4 E . 33.84 9.62 -2.69
S SO4 F . 12.44 -2.36 3.13
O1 SO4 F . 11.58 -1.37 3.77
O2 SO4 F . 12.93 -3.34 4.13
O3 SO4 F . 13.61 -1.69 2.54
O4 SO4 F . 11.71 -3.05 2.07
S SO4 G . 17.49 -4.61 -14.50
O1 SO4 G . 17.12 -5.76 -13.66
O2 SO4 G . 16.62 -3.46 -14.18
O3 SO4 G . 17.33 -4.97 -15.91
O4 SO4 G . 18.89 -4.26 -14.24
#